data_7NQ6
#
_entry.id   7NQ6
#
_cell.length_a   72.070
_cell.length_b   72.070
_cell.length_c   91.820
_cell.angle_alpha   90.000
_cell.angle_beta   90.000
_cell.angle_gamma   90.000
#
_symmetry.space_group_name_H-M   'P 41 21 2'
#
loop_
_entity.id
_entity.type
_entity.pdbx_description
1 polymer 'Nuclear pore complex protein Nup96'
2 non-polymer (4S)-2-METHYL-2,4-PENTANEDIOL
3 non-polymer 'SODIUM ION'
4 non-polymer 'CHLORIDE ION'
5 water water
#
_entity_poly.entity_id   1
_entity_poly.type   'polypeptide(L)'
_entity_poly.pdbx_seq_one_letter_code
;SHPAGIILTRDSYYTIPSMEELARSVDENGECIVNGFTIGREGFGSIYFEGIVNLTNLDLDSIVHIRRKEVIVYVDDQNK
PPLGEGLNRPAQVTLDEVWPIDKTSRCMITSPERLSEMNYKSKLENASRKQGAQFVDYRPESGSWVFKVNHF
;
_entity_poly.pdbx_strand_id   A
#
# COMPACT_ATOMS: atom_id res chain seq x y z
N SER A 1 13.26 -20.03 14.22
CA SER A 1 11.94 -20.58 13.94
C SER A 1 10.86 -19.52 14.09
N HIS A 2 10.82 -18.87 15.26
CA HIS A 2 9.83 -17.83 15.56
C HIS A 2 10.52 -16.66 16.25
N PRO A 3 11.43 -15.99 15.55
CA PRO A 3 12.13 -14.84 16.16
C PRO A 3 11.17 -13.73 16.51
N ALA A 4 11.47 -13.03 17.61
CA ALA A 4 10.56 -12.06 18.19
C ALA A 4 10.77 -10.67 17.60
N GLY A 5 9.67 -10.03 17.20
CA GLY A 5 9.67 -8.64 16.80
C GLY A 5 9.29 -8.42 15.35
N ILE A 6 8.64 -7.29 15.07
CA ILE A 6 8.37 -6.88 13.69
C ILE A 6 9.68 -6.45 13.03
N ILE A 7 9.89 -6.91 11.80
CA ILE A 7 11.09 -6.59 11.04
C ILE A 7 10.74 -5.60 9.94
N LEU A 8 11.26 -4.38 10.08
CA LEU A 8 11.16 -3.38 9.02
C LEU A 8 12.34 -2.43 9.17
N THR A 9 13.29 -2.53 8.24
CA THR A 9 14.57 -1.85 8.35
C THR A 9 14.89 -0.99 7.13
N ARG A 10 14.13 -1.11 6.06
CA ARG A 10 14.53 -0.50 4.80
C ARG A 10 14.26 0.99 4.81
N ASP A 11 15.19 1.74 4.21
CA ASP A 11 15.06 3.19 4.10
C ASP A 11 13.71 3.61 3.53
N SER A 12 13.11 4.62 4.15
N SER A 12 13.11 4.61 4.16
CA SER A 12 11.92 5.29 3.66
CA SER A 12 11.91 5.33 3.73
C SER A 12 10.64 4.58 4.09
C SER A 12 10.62 4.54 3.98
N TYR A 13 10.72 3.30 4.46
CA TYR A 13 9.52 2.59 4.90
C TYR A 13 9.17 2.99 6.32
N TYR A 14 7.88 3.00 6.63
CA TYR A 14 7.40 3.36 7.97
C TYR A 14 6.08 2.65 8.21
N THR A 15 5.68 2.64 9.48
CA THR A 15 4.37 2.13 9.85
C THR A 15 3.62 3.20 10.64
N ILE A 16 2.29 3.06 10.66
CA ILE A 16 1.43 3.77 11.59
C ILE A 16 0.51 2.72 12.21
N PRO A 17 0.54 2.53 13.55
CA PRO A 17 1.46 3.15 14.52
C PRO A 17 2.93 2.94 14.14
N SER A 18 3.76 3.87 14.59
CA SER A 18 5.18 3.81 14.29
C SER A 18 5.80 2.52 14.82
N MET A 19 6.93 2.16 14.23
CA MET A 19 7.65 0.98 14.70
C MET A 19 8.00 1.10 16.18
N GLU A 20 8.38 2.30 16.62
CA GLU A 20 8.67 2.54 18.03
C GLU A 20 7.47 2.21 18.90
N GLU A 21 6.29 2.65 18.47
CA GLU A 21 5.07 2.42 19.24
C GLU A 21 4.65 0.96 19.17
N LEU A 22 4.82 0.30 18.02
CA LEU A 22 4.47 -1.11 17.94
C LEU A 22 5.33 -1.96 18.87
N ALA A 23 6.60 -1.60 19.03
CA ALA A 23 7.45 -2.33 19.98
C ALA A 23 6.95 -2.20 21.41
N ARG A 24 6.27 -1.10 21.74
CA ARG A 24 5.70 -0.91 23.06
C ARG A 24 4.30 -1.52 23.20
N SER A 25 3.77 -2.14 22.14
CA SER A 25 2.36 -2.52 22.08
C SER A 25 2.14 -4.03 22.17
N VAL A 26 3.12 -4.79 22.65
CA VAL A 26 2.94 -6.23 22.77
C VAL A 26 2.13 -6.52 24.03
N ASP A 27 1.15 -7.40 23.92
CA ASP A 27 0.26 -7.67 25.06
C ASP A 27 0.83 -8.80 25.93
N GLU A 28 0.11 -9.14 27.01
CA GLU A 28 0.60 -10.10 27.98
C GLU A 28 0.74 -11.50 27.42
N ASN A 29 0.08 -11.78 26.28
CA ASN A 29 0.17 -13.07 25.62
C ASN A 29 1.38 -13.15 24.70
N GLY A 30 1.94 -12.01 24.33
CA GLY A 30 3.01 -11.93 23.37
C GLY A 30 2.62 -11.45 22.00
N GLU A 31 1.38 -10.97 21.82
CA GLU A 31 0.91 -10.55 20.50
C GLU A 31 0.86 -9.04 20.36
N CYS A 32 1.09 -8.58 19.14
CA CYS A 32 1.00 -7.18 18.75
C CYS A 32 -0.21 -7.07 17.84
N ILE A 33 -1.29 -6.53 18.38
CA ILE A 33 -2.56 -6.41 17.67
C ILE A 33 -2.98 -4.95 17.74
N VAL A 34 -3.31 -4.36 16.58
CA VAL A 34 -3.68 -2.95 16.51
C VAL A 34 -5.03 -2.81 15.81
N ASN A 35 -5.67 -1.67 16.05
CA ASN A 35 -6.91 -1.30 15.36
C ASN A 35 -6.54 -0.26 14.33
N GLY A 36 -6.31 -0.72 13.10
CA GLY A 36 -5.86 0.14 12.02
C GLY A 36 -4.36 0.09 11.87
N PHE A 37 -3.89 -0.31 10.69
CA PHE A 37 -2.46 -0.42 10.46
C PHE A 37 -2.12 0.15 9.09
N THR A 38 -1.09 0.98 9.04
CA THR A 38 -0.52 1.46 7.78
C THR A 38 0.94 1.04 7.66
N ILE A 39 1.34 0.59 6.47
CA ILE A 39 2.75 0.52 6.10
C ILE A 39 2.89 1.38 4.84
N GLY A 40 3.85 2.29 4.86
CA GLY A 40 4.08 3.16 3.74
C GLY A 40 5.55 3.27 3.42
N ARG A 41 5.81 3.96 2.32
CA ARG A 41 7.18 4.25 1.88
C ARG A 41 7.18 5.64 1.26
N GLU A 42 7.91 6.55 1.89
CA GLU A 42 7.98 7.91 1.39
C GLU A 42 8.44 7.91 -0.05
N GLY A 43 7.72 8.66 -0.88
CA GLY A 43 8.05 8.77 -2.28
C GLY A 43 7.39 7.74 -3.17
N PHE A 44 6.71 6.73 -2.61
CA PHE A 44 6.17 5.66 -3.42
C PHE A 44 4.70 5.36 -3.15
N GLY A 45 4.28 5.22 -1.90
CA GLY A 45 2.89 4.90 -1.63
C GLY A 45 2.69 4.37 -0.22
N SER A 46 1.50 3.86 0.01
CA SER A 46 1.19 3.33 1.34
C SER A 46 -0.02 2.41 1.25
N ILE A 47 -0.18 1.59 2.28
CA ILE A 47 -1.23 0.60 2.34
C ILE A 47 -1.87 0.68 3.72
N TYR A 48 -3.17 0.95 3.76
CA TYR A 48 -3.91 1.11 5.00
C TYR A 48 -4.85 -0.08 5.17
N PHE A 49 -4.74 -0.74 6.33
CA PHE A 49 -5.54 -1.90 6.69
C PHE A 49 -6.47 -1.50 7.84
N GLU A 50 -7.74 -1.32 7.55
CA GLU A 50 -8.70 -0.98 8.59
C GLU A 50 -9.02 -2.19 9.47
N GLY A 51 -9.35 -1.92 10.72
CA GLY A 51 -9.79 -2.97 11.63
C GLY A 51 -8.65 -3.60 12.42
N ILE A 52 -8.98 -4.72 13.06
CA ILE A 52 -8.08 -5.39 13.98
C ILE A 52 -7.08 -6.24 13.20
N VAL A 53 -5.80 -5.89 13.29
CA VAL A 53 -4.73 -6.52 12.53
C VAL A 53 -3.73 -7.10 13.51
N ASN A 54 -3.40 -8.39 13.33
CA ASN A 54 -2.39 -9.06 14.14
C ASN A 54 -1.05 -8.96 13.42
N LEU A 55 -0.12 -8.20 14.00
CA LEU A 55 1.18 -7.91 13.43
C LEU A 55 2.30 -8.75 14.03
N THR A 56 1.97 -9.70 14.90
CA THR A 56 2.98 -10.35 15.73
C THR A 56 4.10 -10.94 14.90
N ASN A 57 5.32 -10.44 15.15
CA ASN A 57 6.56 -10.90 14.53
C ASN A 57 6.54 -10.87 13.01
N LEU A 58 5.71 -10.04 12.38
CA LEU A 58 5.68 -10.03 10.92
C LEU A 58 7.00 -9.52 10.34
N ASP A 59 7.51 -10.24 9.34
CA ASP A 59 8.69 -9.81 8.60
C ASP A 59 8.23 -8.93 7.45
N LEU A 60 7.98 -7.66 7.79
CA LEU A 60 7.48 -6.72 6.78
C LEU A 60 8.51 -6.45 5.70
N ASP A 61 9.80 -6.56 6.01
CA ASP A 61 10.83 -6.40 5.00
C ASP A 61 10.68 -7.44 3.89
N SER A 62 10.27 -8.66 4.25
CA SER A 62 10.09 -9.72 3.27
C SER A 62 8.70 -9.67 2.61
N ILE A 63 7.68 -9.26 3.37
CA ILE A 63 6.29 -9.37 2.90
C ILE A 63 5.91 -8.22 1.99
N VAL A 64 6.29 -6.99 2.35
CA VAL A 64 5.72 -5.77 1.76
C VAL A 64 6.74 -5.05 0.89
N HIS A 65 6.32 -4.70 -0.32
CA HIS A 65 7.17 -4.00 -1.29
C HIS A 65 6.33 -2.91 -1.92
N ILE A 66 6.74 -1.67 -1.71
CA ILE A 66 5.99 -0.52 -2.21
C ILE A 66 6.91 0.17 -3.20
N ARG A 67 6.60 0.02 -4.50
CA ARG A 67 7.43 0.31 -5.66
C ARG A 67 6.75 1.43 -6.46
N ARG A 68 7.33 1.81 -7.58
CA ARG A 68 6.70 2.81 -8.42
C ARG A 68 5.45 2.23 -9.07
N LYS A 69 4.29 2.79 -8.74
CA LYS A 69 3.03 2.42 -9.34
C LYS A 69 2.69 0.96 -9.09
N GLU A 70 3.18 0.39 -7.98
CA GLU A 70 2.95 -1.03 -7.72
C GLU A 70 3.19 -1.33 -6.26
N VAL A 71 2.32 -2.15 -5.67
CA VAL A 71 2.65 -2.78 -4.40
C VAL A 71 2.61 -4.29 -4.58
N ILE A 72 3.42 -4.97 -3.78
CA ILE A 72 3.45 -6.41 -3.66
C ILE A 72 3.36 -6.74 -2.17
N VAL A 73 2.41 -7.58 -1.80
CA VAL A 73 2.21 -8.00 -0.43
C VAL A 73 2.16 -9.52 -0.49
N TYR A 74 3.22 -10.17 0.04
CA TYR A 74 3.53 -11.60 -0.10
C TYR A 74 4.04 -11.87 -1.52
N VAL A 75 5.34 -12.03 -1.65
CA VAL A 75 5.95 -12.20 -2.96
C VAL A 75 5.52 -13.52 -3.59
N ASP A 76 5.45 -14.58 -2.79
CA ASP A 76 5.10 -15.92 -3.25
C ASP A 76 3.69 -16.27 -2.75
N ASP A 77 2.79 -16.59 -3.68
CA ASP A 77 1.51 -17.16 -3.32
C ASP A 77 1.60 -18.25 -2.24
N GLN A 78 2.74 -18.94 -2.16
CA GLN A 78 2.92 -20.06 -1.24
C GLN A 78 3.19 -19.63 0.19
N ASN A 79 3.65 -18.41 0.41
CA ASN A 79 3.91 -17.89 1.75
C ASN A 79 2.74 -17.09 2.30
N LYS A 80 1.65 -17.01 1.58
CA LYS A 80 0.54 -16.12 1.94
C LYS A 80 -0.40 -16.85 2.89
N PRO A 81 -0.72 -16.28 4.05
CA PRO A 81 -1.63 -16.95 4.99
C PRO A 81 -3.05 -16.95 4.47
N PRO A 82 -3.95 -17.67 5.14
CA PRO A 82 -5.35 -17.70 4.70
C PRO A 82 -5.96 -16.32 4.69
N LEU A 83 -6.99 -16.17 3.85
CA LEU A 83 -7.72 -14.92 3.78
C LEU A 83 -8.10 -14.47 5.18
N GLY A 84 -7.83 -13.18 5.46
CA GLY A 84 -8.15 -12.57 6.72
C GLY A 84 -7.02 -12.58 7.71
N GLU A 85 -6.00 -13.41 7.50
CA GLU A 85 -4.86 -13.51 8.39
C GLU A 85 -3.71 -12.65 7.89
N GLY A 86 -2.85 -12.25 8.83
CA GLY A 86 -1.74 -11.38 8.47
C GLY A 86 -2.21 -10.17 7.69
N LEU A 87 -1.51 -9.88 6.59
CA LEU A 87 -1.88 -8.76 5.73
C LEU A 87 -2.64 -9.21 4.50
N ASN A 88 -3.08 -10.48 4.46
CA ASN A 88 -3.86 -10.96 3.34
C ASN A 88 -5.34 -10.70 3.61
N ARG A 89 -5.73 -9.43 3.45
CA ARG A 89 -7.01 -8.96 3.94
C ARG A 89 -7.32 -7.64 3.25
N PRO A 90 -8.53 -7.11 3.44
CA PRO A 90 -8.91 -5.87 2.75
C PRO A 90 -7.98 -4.73 3.10
N ALA A 91 -7.71 -3.89 2.09
CA ALA A 91 -6.79 -2.78 2.30
C ALA A 91 -7.07 -1.69 1.30
N GLN A 92 -6.65 -0.48 1.65
CA GLN A 92 -6.66 0.66 0.75
C GLN A 92 -5.22 0.96 0.35
N VAL A 93 -4.96 0.88 -0.94
CA VAL A 93 -3.64 1.11 -1.52
C VAL A 93 -3.61 2.52 -2.07
N THR A 94 -2.55 3.26 -1.75
CA THR A 94 -2.25 4.54 -2.34
C THR A 94 -0.91 4.42 -3.06
N LEU A 95 -0.92 4.68 -4.36
CA LEU A 95 0.29 4.72 -5.17
C LEU A 95 0.53 6.17 -5.58
N ASP A 96 1.70 6.70 -5.26
CA ASP A 96 1.96 8.09 -5.63
C ASP A 96 2.69 8.19 -6.98
N GLU A 97 2.58 9.35 -7.62
CA GLU A 97 3.22 9.62 -8.93
C GLU A 97 2.68 8.76 -10.07
N VAL A 98 1.44 8.35 -10.01
CA VAL A 98 0.83 7.70 -11.16
C VAL A 98 0.47 8.81 -12.13
N TRP A 99 1.43 9.21 -12.98
CA TRP A 99 1.21 10.17 -14.03
C TRP A 99 1.53 9.52 -15.37
N PRO A 100 0.79 9.85 -16.43
CA PRO A 100 1.10 9.30 -17.75
C PRO A 100 2.31 10.01 -18.32
N ILE A 101 2.91 9.35 -19.30
CA ILE A 101 4.11 9.83 -19.96
C ILE A 101 3.72 10.43 -21.30
N ASP A 102 4.18 11.63 -21.56
CA ASP A 102 4.06 12.20 -22.90
C ASP A 102 4.97 11.42 -23.84
N LYS A 103 4.39 10.84 -24.89
CA LYS A 103 5.15 9.90 -25.70
C LYS A 103 6.20 10.58 -26.55
N THR A 104 6.05 11.88 -26.81
CA THR A 104 7.02 12.58 -27.64
C THR A 104 8.22 13.02 -26.83
N SER A 105 7.99 13.63 -25.67
CA SER A 105 9.06 14.14 -24.83
C SER A 105 9.60 13.09 -23.86
N ARG A 106 8.83 12.02 -23.59
CA ARG A 106 9.13 11.05 -22.54
C ARG A 106 9.30 11.73 -21.19
N CYS A 107 8.54 12.78 -20.95
CA CYS A 107 8.41 13.37 -19.63
C CYS A 107 7.00 13.16 -19.12
N MET A 108 6.88 13.13 -17.81
CA MET A 108 5.57 12.89 -17.21
C MET A 108 4.66 14.09 -17.39
N ILE A 109 3.38 13.77 -17.52
CA ILE A 109 2.33 14.78 -17.63
C ILE A 109 1.77 14.99 -16.24
N THR A 110 2.10 16.13 -15.64
CA THR A 110 1.65 16.44 -14.28
C THR A 110 0.67 17.60 -14.21
N SER A 111 0.41 18.27 -15.31
CA SER A 111 -0.52 19.39 -15.34
C SER A 111 -1.92 18.92 -14.98
N PRO A 112 -2.53 19.41 -13.88
CA PRO A 112 -3.90 18.97 -13.59
C PRO A 112 -4.87 19.30 -14.71
N GLU A 113 -4.69 20.44 -15.39
CA GLU A 113 -5.60 20.76 -16.49
C GLU A 113 -5.48 19.74 -17.61
N ARG A 114 -4.25 19.39 -17.99
CA ARG A 114 -4.08 18.42 -19.06
C ARG A 114 -4.59 17.05 -18.64
N LEU A 115 -4.37 16.68 -17.37
CA LEU A 115 -4.89 15.42 -16.87
C LEU A 115 -6.41 15.41 -16.84
N SER A 116 -7.02 16.55 -16.53
N SER A 116 -7.03 16.53 -16.48
CA SER A 116 -8.48 16.63 -16.49
CA SER A 116 -8.48 16.60 -16.51
C SER A 116 -9.07 16.56 -17.90
C SER A 116 -9.00 16.46 -17.93
N GLU A 117 -8.41 17.20 -18.86
CA GLU A 117 -8.90 17.20 -20.23
C GLU A 117 -8.93 15.79 -20.81
N MET A 118 -7.87 15.00 -20.55
CA MET A 118 -7.83 13.63 -21.06
C MET A 118 -8.61 12.66 -20.18
N ASN A 119 -9.12 13.13 -19.02
CA ASN A 119 -9.80 12.29 -18.03
C ASN A 119 -8.95 11.07 -17.67
N TYR A 120 -7.71 11.34 -17.30
CA TYR A 120 -6.80 10.29 -16.85
C TYR A 120 -7.38 9.53 -15.66
N LYS A 121 -8.05 10.23 -14.74
CA LYS A 121 -8.60 9.54 -13.57
C LYS A 121 -9.51 8.40 -14.00
N SER A 122 -10.26 8.58 -15.10
CA SER A 122 -11.18 7.53 -15.54
C SER A 122 -10.43 6.32 -16.11
N LYS A 123 -9.21 6.55 -16.64
CA LYS A 123 -8.40 5.43 -17.08
C LYS A 123 -7.94 4.58 -15.90
N LEU A 124 -7.54 5.25 -14.81
CA LEU A 124 -7.16 4.52 -13.60
C LEU A 124 -8.37 3.85 -12.99
N GLU A 125 -9.51 4.54 -12.99
CA GLU A 125 -10.72 3.98 -12.40
C GLU A 125 -11.12 2.72 -13.16
N ASN A 126 -11.10 2.76 -14.48
N ASN A 126 -11.09 2.78 -14.49
CA ASN A 126 -11.51 1.55 -15.17
CA ASN A 126 -11.46 1.63 -15.30
C ASN A 126 -10.49 0.44 -14.99
C ASN A 126 -10.48 0.47 -15.09
N ALA A 127 -9.21 0.77 -14.85
CA ALA A 127 -8.23 -0.27 -14.58
C ALA A 127 -8.50 -0.92 -13.23
N SER A 128 -8.80 -0.10 -12.21
CA SER A 128 -9.15 -0.67 -10.91
C SER A 128 -10.35 -1.59 -11.05
N ARG A 129 -11.39 -1.10 -11.73
CA ARG A 129 -12.63 -1.86 -11.84
C ARG A 129 -12.43 -3.19 -12.54
N LYS A 130 -11.69 -3.19 -13.64
CA LYS A 130 -11.49 -4.40 -14.41
C LYS A 130 -10.62 -5.40 -13.65
N GLN A 131 -9.79 -4.94 -12.72
CA GLN A 131 -9.01 -5.83 -11.87
C GLN A 131 -9.80 -6.30 -10.64
N GLY A 132 -11.04 -5.85 -10.47
CA GLY A 132 -11.82 -6.27 -9.32
C GLY A 132 -11.54 -5.46 -8.07
N ALA A 133 -10.81 -4.36 -8.20
CA ALA A 133 -10.57 -3.43 -7.12
C ALA A 133 -11.63 -2.35 -7.17
N GLN A 134 -11.68 -1.55 -6.12
CA GLN A 134 -12.61 -0.46 -6.00
C GLN A 134 -11.84 0.85 -6.02
N PHE A 135 -11.99 1.63 -7.09
CA PHE A 135 -11.39 2.95 -7.19
C PHE A 135 -11.90 3.86 -6.08
N VAL A 136 -10.97 4.60 -5.46
CA VAL A 136 -11.29 5.56 -4.41
C VAL A 136 -10.99 6.99 -4.86
N ASP A 137 -9.79 7.24 -5.38
CA ASP A 137 -9.44 8.61 -5.73
C ASP A 137 -8.29 8.61 -6.72
N TYR A 138 -8.16 9.73 -7.43
CA TYR A 138 -6.93 10.09 -8.10
C TYR A 138 -6.67 11.57 -7.77
N ARG A 139 -5.59 11.82 -7.06
CA ARG A 139 -5.24 13.16 -6.64
C ARG A 139 -4.12 13.67 -7.56
N PRO A 140 -4.42 14.53 -8.54
CA PRO A 140 -3.40 14.81 -9.56
C PRO A 140 -2.20 15.54 -9.02
N GLU A 141 -2.36 16.33 -7.95
CA GLU A 141 -1.25 17.12 -7.44
C GLU A 141 -0.07 16.23 -7.08
N SER A 142 -0.35 15.06 -6.51
CA SER A 142 0.68 14.13 -6.08
C SER A 142 0.69 12.87 -6.91
N GLY A 143 -0.16 12.80 -7.94
CA GLY A 143 -0.32 11.58 -8.72
C GLY A 143 -0.77 10.39 -7.90
N SER A 144 -1.64 10.61 -6.92
CA SER A 144 -1.97 9.56 -5.98
C SER A 144 -3.21 8.81 -6.45
N TRP A 145 -2.99 7.58 -6.89
CA TRP A 145 -4.03 6.63 -7.22
C TRP A 145 -4.39 5.84 -5.98
N VAL A 146 -5.65 5.92 -5.57
CA VAL A 146 -6.13 5.29 -4.34
C VAL A 146 -7.21 4.28 -4.70
N PHE A 147 -7.08 3.05 -4.22
CA PHE A 147 -8.09 2.04 -4.52
C PHE A 147 -8.10 1.01 -3.40
N LYS A 148 -9.20 0.28 -3.31
CA LYS A 148 -9.36 -0.74 -2.28
C LYS A 148 -9.32 -2.11 -2.91
N VAL A 149 -8.68 -3.04 -2.22
CA VAL A 149 -8.65 -4.46 -2.59
C VAL A 149 -9.24 -5.28 -1.46
N ASN A 150 -9.68 -6.49 -1.81
CA ASN A 150 -10.27 -7.37 -0.82
C ASN A 150 -9.25 -8.23 -0.13
N HIS A 151 -8.07 -8.38 -0.72
CA HIS A 151 -7.00 -9.19 -0.16
C HIS A 151 -5.82 -9.03 -1.11
N PHE A 152 -4.75 -9.76 -0.84
CA PHE A 152 -3.58 -9.69 -1.72
C PHE A 152 -3.29 -11.07 -2.28
#